data_2KCE
#
_entry.id   2KCE
#
_cell.length_a   126.800
_cell.length_b   126.800
_cell.length_c   67.560
_cell.angle_alpha   90.00
_cell.angle_beta   90.00
_cell.angle_gamma   120.00
#
_symmetry.space_group_name_H-M   'P 63'
#
loop_
_entity.id
_entity.type
_entity.pdbx_description
1 polymer 'THYMIDYLATE SYNTHASE'
2 non-polymer "2'-DEOXYURIDINE 5'-MONOPHOSPHATE"
3 non-polymer TOMUDEX
4 water water
#
_entity_poly.entity_id   1
_entity_poly.type   'polypeptide(L)'
_entity_poly.pdbx_seq_one_letter_code
;MKQYLELMQKVLDEGTQKNDRTGTGTLSIFGHQMRFNLQDGFPLVTTKRCHLRSIIHELLWFLQGDTNIAYLHENNVTIW
DEWADENGDLGPVYGKQWRAWPTPDGRHIDQITTVLNQLKNDPDSRRIIVSAWNVGELDKMALAPCHAFFQFYVADGKLS
CQLYQRSCDVFLGLPFNIASYALLVHMMAQQCDLEVGDFVWTGGDTHLYSNHMDQTHLQLSREPRPLPKLIIKRKPESIF
DYRFEDFEIEGYDPHPGIKAPVAI
;
_entity_poly.pdbx_strand_id   A,B
#
# COMPACT_ATOMS: atom_id res chain seq x y z
N MET A 1 -9.79 -3.66 -20.75
CA MET A 1 -9.26 -2.39 -21.09
C MET A 1 -7.79 -2.66 -21.15
N LYS A 2 -7.03 -1.92 -21.95
CA LYS A 2 -5.63 -2.16 -22.18
C LYS A 2 -4.79 -2.50 -20.96
N GLN A 3 -5.00 -1.85 -19.84
CA GLN A 3 -4.20 -2.05 -18.65
C GLN A 3 -4.48 -3.38 -18.00
N TYR A 4 -5.77 -3.67 -17.95
CA TYR A 4 -6.26 -4.90 -17.38
C TYR A 4 -5.82 -6.14 -18.16
N LEU A 5 -5.94 -6.11 -19.49
CA LEU A 5 -5.57 -7.26 -20.29
C LEU A 5 -4.05 -7.41 -20.29
N GLU A 6 -3.26 -6.34 -20.26
CA GLU A 6 -1.82 -6.47 -20.10
C GLU A 6 -1.47 -7.10 -18.75
N LEU A 7 -2.22 -6.83 -17.68
CA LEU A 7 -2.00 -7.47 -16.39
C LEU A 7 -2.25 -8.97 -16.51
N MET A 8 -3.37 -9.40 -17.10
CA MET A 8 -3.65 -10.82 -17.28
C MET A 8 -2.53 -11.53 -18.01
N GLN A 9 -2.07 -11.00 -19.13
CA GLN A 9 -0.96 -11.55 -19.91
C GLN A 9 0.29 -11.62 -19.05
N LYS A 10 0.51 -10.60 -18.20
CA LYS A 10 1.67 -10.57 -17.34
C LYS A 10 1.62 -11.72 -16.36
N VAL A 11 0.48 -11.98 -15.69
CA VAL A 11 0.39 -13.07 -14.73
C VAL A 11 0.66 -14.38 -15.43
N LEU A 12 0.13 -14.55 -16.65
CA LEU A 12 0.36 -15.75 -17.42
C LEU A 12 1.82 -15.88 -17.86
N ASP A 13 2.47 -14.76 -18.21
CA ASP A 13 3.83 -14.77 -18.67
C ASP A 13 4.79 -14.96 -17.54
N GLU A 14 4.58 -14.37 -16.39
CA GLU A 14 5.53 -14.60 -15.33
C GLU A 14 4.96 -15.04 -14.01
N GLY A 15 3.75 -15.59 -13.99
CA GLY A 15 3.22 -16.04 -12.72
C GLY A 15 3.95 -17.31 -12.29
N THR A 16 4.03 -17.57 -10.99
CA THR A 16 4.57 -18.77 -10.38
C THR A 16 3.36 -19.54 -9.90
N GLN A 17 3.33 -20.86 -10.05
CA GLN A 17 2.26 -21.67 -9.51
C GLN A 17 2.32 -21.66 -8.00
N LYS A 18 1.22 -21.38 -7.35
CA LYS A 18 1.24 -21.30 -5.90
C LYS A 18 0.02 -22.03 -5.38
N ASN A 19 0.17 -22.64 -4.22
CA ASN A 19 -0.95 -23.28 -3.59
C ASN A 19 -1.60 -22.21 -2.75
N ASP A 20 -2.86 -22.33 -2.37
CA ASP A 20 -3.50 -21.22 -1.66
C ASP A 20 -4.51 -21.80 -0.70
N ARG A 21 -4.93 -20.92 0.18
CA ARG A 21 -5.93 -21.14 1.21
C ARG A 21 -7.20 -21.95 0.84
N THR A 22 -7.77 -21.66 -0.33
CA THR A 22 -8.99 -22.34 -0.76
C THR A 22 -8.68 -23.73 -1.33
N GLY A 23 -7.39 -24.07 -1.50
CA GLY A 23 -6.98 -25.31 -2.13
C GLY A 23 -7.19 -25.31 -3.64
N THR A 24 -7.53 -24.21 -4.35
CA THR A 24 -7.66 -24.25 -5.80
C THR A 24 -6.35 -24.18 -6.59
N GLY A 25 -5.36 -23.42 -6.13
CA GLY A 25 -4.09 -23.22 -6.81
C GLY A 25 -4.21 -21.95 -7.65
N THR A 26 -3.16 -21.15 -7.68
CA THR A 26 -3.17 -19.91 -8.43
C THR A 26 -1.92 -19.85 -9.27
N LEU A 27 -1.97 -19.00 -10.28
CA LEU A 27 -0.78 -18.58 -10.97
C LEU A 27 -0.62 -17.17 -10.39
N SER A 28 0.52 -16.87 -9.78
CA SER A 28 0.73 -15.61 -9.06
C SER A 28 1.95 -14.74 -9.39
N ILE A 29 1.78 -13.41 -9.40
CA ILE A 29 2.90 -12.47 -9.40
C ILE A 29 2.70 -11.65 -8.10
N PHE A 30 3.76 -10.92 -7.73
CA PHE A 30 3.79 -10.09 -6.55
C PHE A 30 4.30 -8.71 -6.97
N GLY A 31 3.53 -7.65 -6.78
CA GLY A 31 3.99 -6.33 -7.13
C GLY A 31 3.55 -5.90 -8.52
N HIS A 32 2.59 -4.98 -8.63
CA HIS A 32 2.22 -4.45 -9.92
C HIS A 32 1.55 -3.09 -9.70
N GLN A 33 1.58 -2.16 -10.65
CA GLN A 33 0.90 -0.91 -10.46
C GLN A 33 0.36 -0.50 -11.83
N MET A 34 -0.85 0.02 -11.93
CA MET A 34 -1.38 0.54 -13.17
C MET A 34 -2.15 1.82 -12.90
N ARG A 35 -2.31 2.70 -13.88
CA ARG A 35 -2.94 3.97 -13.65
C ARG A 35 -4.04 4.14 -14.65
N PHE A 36 -5.17 4.67 -14.22
CA PHE A 36 -6.32 4.88 -15.09
C PHE A 36 -6.60 6.38 -14.99
N ASN A 37 -6.61 7.11 -16.09
CA ASN A 37 -6.95 8.52 -16.03
C ASN A 37 -8.45 8.58 -16.13
N LEU A 38 -9.10 9.00 -15.03
CA LEU A 38 -10.55 8.96 -15.00
C LEU A 38 -11.21 9.94 -15.94
N GLN A 39 -10.44 10.90 -16.43
CA GLN A 39 -10.95 11.81 -17.43
C GLN A 39 -10.98 11.08 -18.75
N ASP A 40 -10.26 9.99 -19.03
CA ASP A 40 -10.45 9.33 -20.29
C ASP A 40 -11.76 8.58 -20.38
N GLY A 41 -12.43 8.21 -19.29
CA GLY A 41 -13.65 7.43 -19.40
C GLY A 41 -13.69 6.59 -18.15
N PHE A 42 -14.80 5.96 -17.84
CA PHE A 42 -14.96 5.28 -16.58
C PHE A 42 -14.38 3.89 -16.73
N PRO A 43 -13.49 3.40 -15.87
CA PRO A 43 -12.83 2.13 -16.09
C PRO A 43 -13.65 0.84 -15.82
N LEU A 44 -14.67 0.60 -16.64
CA LEU A 44 -15.48 -0.58 -16.47
C LEU A 44 -15.08 -1.56 -17.55
N VAL A 45 -14.65 -2.79 -17.23
CA VAL A 45 -14.22 -3.76 -18.22
C VAL A 45 -15.23 -4.02 -19.34
N THR A 46 -14.80 -3.80 -20.60
CA THR A 46 -15.62 -4.12 -21.76
C THR A 46 -15.35 -5.48 -22.42
N THR A 47 -14.24 -6.21 -22.16
CA THR A 47 -14.00 -7.49 -22.83
C THR A 47 -14.89 -8.58 -22.26
N LYS A 48 -15.64 -8.33 -21.19
CA LYS A 48 -16.71 -9.22 -20.76
C LYS A 48 -17.76 -8.27 -20.16
N ARG A 49 -19.04 -8.65 -20.07
CA ARG A 49 -20.07 -7.82 -19.48
C ARG A 49 -20.03 -7.83 -17.95
N CYS A 50 -19.84 -6.68 -17.29
CA CYS A 50 -19.87 -6.58 -15.83
C CYS A 50 -21.20 -6.02 -15.37
N HIS A 51 -21.65 -6.39 -14.16
CA HIS A 51 -22.92 -5.89 -13.67
C HIS A 51 -22.78 -4.65 -12.83
N LEU A 52 -22.94 -3.48 -13.40
CA LEU A 52 -22.78 -2.20 -12.69
C LEU A 52 -23.66 -2.09 -11.46
N ARG A 53 -24.89 -2.61 -11.55
CA ARG A 53 -25.83 -2.61 -10.43
C ARG A 53 -25.22 -3.18 -9.15
N SER A 54 -24.46 -4.29 -9.20
CA SER A 54 -23.83 -4.89 -8.05
C SER A 54 -22.70 -4.04 -7.53
N ILE A 55 -21.98 -3.39 -8.45
CA ILE A 55 -20.84 -2.57 -8.04
C ILE A 55 -21.35 -1.38 -7.24
N ILE A 56 -22.42 -0.73 -7.73
CA ILE A 56 -22.87 0.47 -7.06
C ILE A 56 -23.45 0.16 -5.69
N HIS A 57 -24.29 -0.88 -5.59
CA HIS A 57 -24.88 -1.25 -4.31
C HIS A 57 -23.88 -1.63 -3.25
N GLU A 58 -22.84 -2.37 -3.61
CA GLU A 58 -21.82 -2.72 -2.66
C GLU A 58 -21.10 -1.47 -2.17
N LEU A 59 -20.79 -0.51 -3.03
CA LEU A 59 -20.14 0.71 -2.58
C LEU A 59 -21.07 1.53 -1.68
N LEU A 60 -22.36 1.66 -1.98
CA LEU A 60 -23.27 2.39 -1.11
C LEU A 60 -23.37 1.72 0.26
N TRP A 61 -23.32 0.39 0.31
CA TRP A 61 -23.32 -0.43 1.52
C TRP A 61 -22.10 -0.13 2.38
N PHE A 62 -20.90 -0.17 1.80
CA PHE A 62 -19.65 0.18 2.49
C PHE A 62 -19.73 1.56 3.11
N LEU A 63 -20.22 2.54 2.34
CA LEU A 63 -20.33 3.93 2.80
C LEU A 63 -21.34 4.11 3.90
N GLN A 64 -22.37 3.26 3.98
CA GLN A 64 -23.30 3.29 5.09
C GLN A 64 -22.74 2.68 6.38
N GLY A 65 -21.60 1.98 6.28
CA GLY A 65 -20.96 1.37 7.43
C GLY A 65 -21.51 0.00 7.75
N ASP A 66 -22.21 -0.58 6.76
CA ASP A 66 -22.90 -1.83 6.97
C ASP A 66 -21.98 -3.01 6.66
N THR A 67 -22.12 -4.11 7.43
CA THR A 67 -21.40 -5.37 7.23
C THR A 67 -22.31 -6.60 7.22
N ASN A 68 -23.62 -6.40 7.10
CA ASN A 68 -24.58 -7.48 7.07
C ASN A 68 -25.16 -7.44 5.67
N ILE A 69 -25.37 -8.59 5.08
CA ILE A 69 -25.79 -8.63 3.69
C ILE A 69 -27.25 -8.35 3.40
N ALA A 70 -28.13 -8.19 4.39
CA ALA A 70 -29.54 -7.92 4.17
C ALA A 70 -29.78 -6.79 3.16
N TYR A 71 -29.06 -5.68 3.24
CA TYR A 71 -29.19 -4.59 2.28
C TYR A 71 -28.96 -5.06 0.87
N LEU A 72 -27.88 -5.82 0.72
CA LEU A 72 -27.50 -6.35 -0.57
C LEU A 72 -28.57 -7.30 -1.06
N HIS A 73 -29.16 -8.07 -0.15
CA HIS A 73 -30.25 -8.93 -0.52
C HIS A 73 -31.46 -8.11 -0.92
N GLU A 74 -31.91 -7.04 -0.22
CA GLU A 74 -33.04 -6.22 -0.65
C GLU A 74 -32.85 -5.74 -2.08
N ASN A 75 -31.59 -5.61 -2.51
CA ASN A 75 -31.30 -5.12 -3.84
C ASN A 75 -30.78 -6.15 -4.80
N ASN A 76 -31.06 -7.42 -4.52
CA ASN A 76 -30.73 -8.53 -5.40
C ASN A 76 -29.27 -8.67 -5.74
N VAL A 77 -28.43 -8.50 -4.73
CA VAL A 77 -26.98 -8.63 -4.88
C VAL A 77 -26.57 -9.73 -3.91
N THR A 78 -25.96 -10.75 -4.51
CA THR A 78 -25.59 -11.93 -3.79
C THR A 78 -24.10 -12.19 -3.79
N ILE A 79 -23.30 -11.19 -4.18
CA ILE A 79 -21.87 -11.36 -4.26
C ILE A 79 -21.19 -11.71 -2.95
N TRP A 80 -21.76 -11.38 -1.79
CA TRP A 80 -21.10 -11.72 -0.53
C TRP A 80 -21.72 -12.88 0.21
N ASP A 81 -22.66 -13.59 -0.39
CA ASP A 81 -23.39 -14.62 0.33
C ASP A 81 -22.56 -15.75 0.93
N GLU A 82 -21.59 -16.27 0.17
CA GLU A 82 -20.77 -17.38 0.59
C GLU A 82 -19.91 -17.21 1.82
N TRP A 83 -19.68 -15.98 2.27
CA TRP A 83 -18.81 -15.76 3.43
C TRP A 83 -19.60 -15.30 4.66
N ALA A 84 -20.90 -15.05 4.47
CA ALA A 84 -21.81 -14.54 5.51
C ALA A 84 -22.22 -15.63 6.44
N ASP A 85 -22.41 -15.31 7.71
CA ASP A 85 -22.82 -16.35 8.60
C ASP A 85 -24.31 -16.49 8.51
N GLU A 86 -24.85 -17.25 9.46
CA GLU A 86 -26.25 -17.67 9.51
C GLU A 86 -27.16 -16.47 9.71
N ASN A 87 -26.61 -15.40 10.28
CA ASN A 87 -27.32 -14.13 10.46
C ASN A 87 -27.12 -13.13 9.34
N GLY A 88 -26.34 -13.45 8.33
CA GLY A 88 -26.06 -12.50 7.26
C GLY A 88 -24.83 -11.65 7.57
N ASP A 89 -24.16 -11.83 8.72
CA ASP A 89 -22.99 -11.08 9.08
C ASP A 89 -21.66 -11.57 8.55
N LEU A 90 -20.86 -10.55 8.19
CA LEU A 90 -19.49 -10.71 7.71
C LEU A 90 -18.44 -10.28 8.72
N GLY A 91 -18.89 -9.74 9.85
CA GLY A 91 -17.99 -9.29 10.89
C GLY A 91 -17.50 -7.90 10.51
N PRO A 92 -16.51 -7.30 11.20
CA PRO A 92 -16.15 -5.89 11.04
C PRO A 92 -15.29 -5.59 9.82
N VAL A 93 -15.79 -5.99 8.67
CA VAL A 93 -15.09 -5.75 7.42
C VAL A 93 -15.22 -4.29 7.00
N TYR A 94 -14.94 -4.02 5.74
CA TYR A 94 -14.88 -2.71 5.14
C TYR A 94 -15.76 -1.59 5.67
N GLY A 95 -17.09 -1.69 5.61
CA GLY A 95 -17.98 -0.61 6.01
C GLY A 95 -17.69 -0.18 7.43
N LYS A 96 -17.51 -1.12 8.36
CA LYS A 96 -17.26 -0.77 9.75
C LYS A 96 -15.93 -0.07 9.91
N GLN A 97 -14.88 -0.51 9.22
CA GLN A 97 -13.56 0.11 9.38
C GLN A 97 -13.53 1.49 8.75
N TRP A 98 -14.20 1.68 7.61
CA TRP A 98 -14.26 2.96 6.97
C TRP A 98 -14.99 4.01 7.80
N ARG A 99 -16.09 3.59 8.44
CA ARG A 99 -16.95 4.49 9.17
C ARG A 99 -16.79 4.51 10.67
N ALA A 100 -16.19 3.50 11.28
CA ALA A 100 -16.11 3.45 12.72
C ALA A 100 -14.98 2.56 13.21
N TRP A 101 -13.75 2.91 12.84
CA TRP A 101 -12.54 2.21 13.28
C TRP A 101 -12.47 2.38 14.77
N PRO A 102 -12.43 1.34 15.60
CA PRO A 102 -12.31 1.50 17.04
C PRO A 102 -10.86 1.68 17.53
N THR A 103 -10.74 2.68 18.39
CA THR A 103 -9.47 3.06 18.99
C THR A 103 -9.30 2.28 20.31
N PRO A 104 -8.14 2.16 20.93
CA PRO A 104 -8.05 1.53 22.25
C PRO A 104 -8.59 2.34 23.43
N ASP A 105 -8.97 3.59 23.30
CA ASP A 105 -9.52 4.35 24.42
C ASP A 105 -11.00 4.65 24.25
N GLY A 106 -11.71 3.78 23.54
CA GLY A 106 -13.15 3.91 23.42
C GLY A 106 -13.68 4.85 22.36
N ARG A 107 -12.90 5.42 21.45
CA ARG A 107 -13.49 6.25 20.39
C ARG A 107 -13.65 5.45 19.11
N HIS A 108 -14.32 5.99 18.11
CA HIS A 108 -14.46 5.35 16.81
C HIS A 108 -14.15 6.46 15.85
N ILE A 109 -13.32 6.20 14.83
CA ILE A 109 -12.93 7.20 13.87
C ILE A 109 -13.72 6.96 12.61
N ASP A 110 -14.30 8.00 12.04
CA ASP A 110 -15.03 7.89 10.80
C ASP A 110 -14.02 8.38 9.78
N GLN A 111 -13.41 7.43 9.10
CA GLN A 111 -12.33 7.80 8.19
C GLN A 111 -12.81 8.46 6.93
N ILE A 112 -14.04 8.17 6.51
CA ILE A 112 -14.57 8.79 5.31
C ILE A 112 -14.86 10.26 5.60
N THR A 113 -15.47 10.73 6.71
CA THR A 113 -15.66 12.16 6.78
C THR A 113 -14.35 12.84 7.16
N THR A 114 -13.42 12.15 7.84
CA THR A 114 -12.11 12.73 8.06
C THR A 114 -11.46 13.02 6.71
N VAL A 115 -11.40 12.06 5.78
CA VAL A 115 -10.86 12.29 4.45
C VAL A 115 -11.55 13.45 3.73
N LEU A 116 -12.88 13.50 3.68
CA LEU A 116 -13.58 14.61 3.08
C LEU A 116 -13.13 15.91 3.70
N ASN A 117 -13.00 16.01 5.02
CA ASN A 117 -12.59 17.27 5.64
C ASN A 117 -11.16 17.64 5.33
N GLN A 118 -10.26 16.66 5.24
CA GLN A 118 -8.92 16.89 4.77
C GLN A 118 -8.93 17.41 3.35
N LEU A 119 -9.71 16.87 2.44
CA LEU A 119 -9.62 17.33 1.07
C LEU A 119 -10.14 18.74 0.89
N LYS A 120 -11.10 19.11 1.73
CA LYS A 120 -11.66 20.44 1.69
C LYS A 120 -10.75 21.40 2.40
N ASN A 121 -10.24 21.06 3.57
CA ASN A 121 -9.49 22.03 4.34
C ASN A 121 -8.00 21.97 4.27
N ASP A 122 -7.47 20.86 3.77
CA ASP A 122 -6.03 20.68 3.73
C ASP A 122 -5.64 19.72 2.62
N PRO A 123 -5.96 19.97 1.34
CA PRO A 123 -5.76 18.99 0.28
C PRO A 123 -4.28 18.65 0.01
N ASP A 124 -3.30 19.39 0.52
CA ASP A 124 -1.89 19.08 0.33
C ASP A 124 -1.34 18.19 1.42
N SER A 125 -2.22 17.68 2.28
CA SER A 125 -1.79 16.76 3.30
C SER A 125 -1.26 15.49 2.64
N ARG A 126 -0.22 14.87 3.19
CA ARG A 126 0.28 13.61 2.68
C ARG A 126 -0.28 12.44 3.53
N ARG A 127 -1.28 12.74 4.38
CA ARG A 127 -1.89 11.79 5.31
C ARG A 127 -3.35 11.49 4.94
N ILE A 128 -3.82 11.71 3.72
CA ILE A 128 -5.24 11.52 3.45
C ILE A 128 -5.45 10.05 3.08
N ILE A 129 -5.58 9.24 4.14
CA ILE A 129 -5.64 7.77 4.04
C ILE A 129 -6.87 7.11 4.68
N VAL A 130 -7.43 6.04 4.10
CA VAL A 130 -8.49 5.24 4.73
C VAL A 130 -7.87 3.84 4.80
N SER A 131 -7.81 3.23 5.97
CA SER A 131 -7.30 1.89 6.09
C SER A 131 -8.47 0.96 6.51
N ALA A 132 -8.57 -0.17 5.85
CA ALA A 132 -9.46 -1.23 6.30
C ALA A 132 -8.59 -2.25 7.06
N TRP A 133 -7.23 -2.17 7.09
CA TRP A 133 -6.47 -3.24 7.71
C TRP A 133 -6.35 -3.02 9.19
N ASN A 134 -7.37 -3.44 9.90
CA ASN A 134 -7.37 -3.29 11.34
C ASN A 134 -6.91 -4.58 11.98
N VAL A 135 -5.62 -4.64 12.27
CA VAL A 135 -4.93 -5.80 12.84
C VAL A 135 -5.65 -6.40 14.05
N GLY A 136 -6.23 -5.59 14.95
CA GLY A 136 -6.90 -6.11 16.12
C GLY A 136 -8.28 -6.71 15.86
N GLU A 137 -8.88 -6.57 14.68
CA GLU A 137 -10.20 -7.13 14.46
C GLU A 137 -10.19 -8.09 13.28
N LEU A 138 -8.99 -8.38 12.77
CA LEU A 138 -8.85 -9.26 11.62
C LEU A 138 -9.48 -10.63 11.88
N ASP A 139 -9.37 -11.07 13.11
CA ASP A 139 -9.88 -12.38 13.51
C ASP A 139 -11.40 -12.43 13.57
N LYS A 140 -12.11 -11.30 13.55
CA LYS A 140 -13.57 -11.34 13.62
C LYS A 140 -14.18 -11.21 12.24
N MET A 141 -13.33 -11.11 11.20
CA MET A 141 -13.78 -10.83 9.84
C MET A 141 -13.91 -12.12 9.08
N ALA A 142 -14.99 -12.21 8.31
CA ALA A 142 -15.26 -13.39 7.52
C ALA A 142 -14.16 -13.61 6.48
N LEU A 143 -13.62 -12.54 5.90
CA LEU A 143 -12.54 -12.61 4.91
C LEU A 143 -11.65 -11.39 5.20
N ALA A 144 -10.30 -11.48 5.19
CA ALA A 144 -9.49 -10.28 5.50
C ALA A 144 -9.62 -9.30 4.33
N PRO A 145 -9.53 -7.98 4.53
CA PRO A 145 -9.62 -7.00 3.46
C PRO A 145 -8.72 -7.25 2.25
N CYS A 146 -9.26 -7.49 1.04
CA CYS A 146 -8.40 -7.58 -0.13
C CYS A 146 -7.94 -6.21 -0.55
N HIS A 147 -8.87 -5.26 -0.73
CA HIS A 147 -8.49 -3.91 -1.04
C HIS A 147 -8.39 -3.27 0.34
N ALA A 148 -7.14 -3.14 0.77
CA ALA A 148 -6.84 -2.82 2.15
C ALA A 148 -6.58 -1.39 2.61
N PHE A 149 -6.13 -0.52 1.74
CA PHE A 149 -5.54 0.72 2.22
C PHE A 149 -5.65 1.66 1.04
N PHE A 150 -6.05 2.94 1.13
CA PHE A 150 -5.99 3.77 -0.06
C PHE A 150 -5.65 5.20 0.33
N GLN A 151 -5.11 5.98 -0.58
CA GLN A 151 -4.68 7.33 -0.25
C GLN A 151 -5.16 8.30 -1.31
N PHE A 152 -5.61 9.52 -0.96
CA PHE A 152 -6.02 10.54 -1.93
C PHE A 152 -4.94 11.59 -2.08
N TYR A 153 -4.97 12.33 -3.18
CA TYR A 153 -3.96 13.33 -3.45
C TYR A 153 -4.64 14.32 -4.36
N VAL A 154 -4.32 15.59 -4.22
CA VAL A 154 -4.91 16.63 -5.05
C VAL A 154 -3.75 17.36 -5.71
N ALA A 155 -3.80 17.59 -7.02
CA ALA A 155 -2.82 18.38 -7.73
C ALA A 155 -3.60 19.03 -8.85
N ASP A 156 -3.39 20.33 -9.04
CA ASP A 156 -4.00 21.10 -10.10
C ASP A 156 -5.51 20.92 -10.24
N GLY A 157 -6.18 20.96 -9.08
CA GLY A 157 -7.63 20.89 -9.05
C GLY A 157 -8.25 19.52 -9.37
N LYS A 158 -7.43 18.47 -9.38
CA LYS A 158 -7.86 17.11 -9.66
C LYS A 158 -7.53 16.22 -8.49
N LEU A 159 -8.50 15.34 -8.22
CA LEU A 159 -8.40 14.34 -7.20
C LEU A 159 -7.94 12.99 -7.76
N SER A 160 -6.89 12.44 -7.19
CA SER A 160 -6.35 11.16 -7.52
C SER A 160 -6.45 10.29 -6.25
N CYS A 161 -6.36 8.99 -6.48
CA CYS A 161 -6.46 8.01 -5.40
C CYS A 161 -5.54 6.86 -5.73
N GLN A 162 -4.80 6.30 -4.76
CA GLN A 162 -4.04 5.09 -5.04
C GLN A 162 -4.52 4.04 -4.06
N LEU A 163 -4.84 2.84 -4.56
CA LEU A 163 -5.26 1.73 -3.72
C LEU A 163 -4.17 0.66 -3.63
N TYR A 164 -3.93 0.13 -2.44
CA TYR A 164 -3.05 -1.02 -2.32
C TYR A 164 -3.99 -2.21 -2.06
N GLN A 165 -4.04 -3.11 -3.03
CA GLN A 165 -4.83 -4.31 -2.91
C GLN A 165 -3.85 -5.43 -2.61
N ARG A 166 -3.91 -5.95 -1.39
CA ARG A 166 -2.96 -6.97 -0.95
C ARG A 166 -3.16 -8.34 -1.60
N SER A 167 -4.36 -8.62 -2.08
CA SER A 167 -4.66 -9.89 -2.71
C SER A 167 -5.69 -9.59 -3.78
N CYS A 168 -5.45 -10.13 -4.96
CA CYS A 168 -6.25 -9.79 -6.09
C CYS A 168 -6.53 -10.99 -6.97
N ASP A 169 -7.81 -11.35 -7.04
CA ASP A 169 -8.26 -12.36 -7.99
C ASP A 169 -8.48 -11.53 -9.28
N VAL A 170 -7.59 -11.72 -10.25
CA VAL A 170 -7.63 -10.90 -11.45
C VAL A 170 -8.88 -11.09 -12.29
N PHE A 171 -9.35 -12.31 -12.46
CA PHE A 171 -10.52 -12.51 -13.29
C PHE A 171 -11.81 -12.01 -12.62
N LEU A 172 -12.03 -12.38 -11.36
CA LEU A 172 -13.33 -12.12 -10.77
C LEU A 172 -13.41 -10.84 -9.94
N GLY A 173 -12.62 -10.64 -8.90
CA GLY A 173 -12.75 -9.44 -8.11
C GLY A 173 -12.19 -8.17 -8.75
N LEU A 174 -11.03 -8.18 -9.40
CA LEU A 174 -10.46 -6.94 -9.91
C LEU A 174 -11.35 -6.13 -10.84
N PRO A 175 -12.13 -6.57 -11.85
CA PRO A 175 -13.02 -5.71 -12.62
C PRO A 175 -13.95 -4.91 -11.70
N PHE A 176 -14.49 -5.56 -10.66
CA PHE A 176 -15.35 -4.94 -9.68
C PHE A 176 -14.61 -3.95 -8.81
N ASN A 177 -13.43 -4.29 -8.31
CA ASN A 177 -12.69 -3.41 -7.41
C ASN A 177 -12.19 -2.18 -8.13
N ILE A 178 -11.84 -2.21 -9.41
CA ILE A 178 -11.42 -1.01 -10.10
C ILE A 178 -12.61 -0.07 -10.26
N ALA A 179 -13.75 -0.57 -10.75
CA ALA A 179 -14.92 0.26 -10.99
C ALA A 179 -15.44 0.93 -9.73
N SER A 180 -15.35 0.19 -8.64
CA SER A 180 -15.81 0.66 -7.34
C SER A 180 -15.02 1.85 -6.85
N TYR A 181 -13.69 1.76 -6.87
CA TYR A 181 -12.91 2.89 -6.42
C TYR A 181 -13.01 4.04 -7.41
N ALA A 182 -13.15 3.82 -8.72
CA ALA A 182 -13.29 4.95 -9.64
C ALA A 182 -14.59 5.72 -9.37
N LEU A 183 -15.62 5.00 -8.96
CA LEU A 183 -16.89 5.57 -8.58
C LEU A 183 -16.75 6.41 -7.32
N LEU A 184 -16.04 5.88 -6.31
CA LEU A 184 -15.77 6.58 -5.08
C LEU A 184 -15.01 7.85 -5.41
N VAL A 185 -14.02 7.83 -6.29
CA VAL A 185 -13.29 9.03 -6.65
C VAL A 185 -14.25 10.02 -7.31
N HIS A 186 -15.15 9.66 -8.21
CA HIS A 186 -16.09 10.62 -8.76
C HIS A 186 -17.00 11.23 -7.69
N MET A 187 -17.45 10.48 -6.69
CA MET A 187 -18.31 11.01 -5.67
C MET A 187 -17.57 11.97 -4.74
N MET A 188 -16.33 11.67 -4.34
CA MET A 188 -15.51 12.53 -3.50
C MET A 188 -15.21 13.85 -4.20
N ALA A 189 -14.86 13.77 -5.48
CA ALA A 189 -14.53 14.95 -6.29
C ALA A 189 -15.76 15.80 -6.46
N GLN A 190 -16.94 15.22 -6.64
CA GLN A 190 -18.17 16.00 -6.73
C GLN A 190 -18.48 16.72 -5.42
N GLN A 191 -18.21 16.10 -4.28
CA GLN A 191 -18.47 16.72 -2.97
C GLN A 191 -17.51 17.86 -2.63
N CYS A 192 -16.30 17.79 -3.18
CA CYS A 192 -15.25 18.75 -2.92
C CYS A 192 -15.07 19.73 -4.05
N ASP A 193 -15.91 19.74 -5.07
CA ASP A 193 -15.76 20.62 -6.25
C ASP A 193 -14.40 20.52 -6.93
N LEU A 194 -13.94 19.27 -7.03
CA LEU A 194 -12.67 18.93 -7.66
C LEU A 194 -12.96 18.20 -8.98
N GLU A 195 -12.00 18.13 -9.88
CA GLU A 195 -12.16 17.35 -11.09
C GLU A 195 -11.57 15.96 -10.78
N VAL A 196 -11.81 14.93 -11.59
CA VAL A 196 -11.27 13.61 -11.29
C VAL A 196 -9.89 13.53 -11.91
N GLY A 197 -8.95 12.88 -11.25
CA GLY A 197 -7.60 12.71 -11.77
C GLY A 197 -7.38 11.26 -12.14
N ASP A 198 -6.44 10.64 -11.45
CA ASP A 198 -6.06 9.26 -11.75
C ASP A 198 -6.46 8.29 -10.66
N PHE A 199 -6.81 7.05 -11.02
CA PHE A 199 -6.97 6.01 -10.03
C PHE A 199 -5.70 5.21 -10.25
N VAL A 200 -4.84 4.98 -9.26
CA VAL A 200 -3.63 4.21 -9.40
C VAL A 200 -3.86 2.88 -8.66
N TRP A 201 -3.76 1.69 -9.27
CA TRP A 201 -4.01 0.43 -8.58
C TRP A 201 -2.65 -0.22 -8.31
N THR A 202 -2.32 -0.58 -7.08
CA THR A 202 -1.10 -1.30 -6.78
C THR A 202 -1.52 -2.65 -6.18
N GLY A 203 -0.88 -3.76 -6.54
CA GLY A 203 -1.27 -5.05 -6.02
C GLY A 203 -0.16 -5.78 -5.32
N GLY A 204 -0.54 -6.58 -4.33
CA GLY A 204 0.36 -7.46 -3.62
C GLY A 204 0.36 -8.77 -4.40
N ASP A 205 -0.25 -9.81 -3.83
CA ASP A 205 -0.35 -11.09 -4.50
C ASP A 205 -1.46 -11.00 -5.56
N THR A 206 -1.07 -10.86 -6.82
CA THR A 206 -1.98 -10.68 -7.96
C THR A 206 -2.03 -12.00 -8.71
N HIS A 207 -3.19 -12.64 -8.79
CA HIS A 207 -3.21 -14.02 -9.26
C HIS A 207 -4.44 -14.39 -10.05
N LEU A 208 -4.29 -15.48 -10.76
CA LEU A 208 -5.33 -16.03 -11.60
C LEU A 208 -5.54 -17.44 -11.06
N TYR A 209 -6.76 -17.83 -10.71
CA TYR A 209 -6.99 -19.16 -10.16
C TYR A 209 -6.85 -20.20 -11.27
N SER A 210 -6.39 -21.39 -10.93
CA SER A 210 -6.09 -22.43 -11.93
C SER A 210 -7.32 -22.77 -12.76
N ASN A 211 -8.50 -22.70 -12.15
CA ASN A 211 -9.73 -22.98 -12.88
C ASN A 211 -10.32 -21.73 -13.55
N HIS A 212 -9.51 -20.71 -13.83
CA HIS A 212 -10.00 -19.58 -14.60
C HIS A 212 -9.18 -19.44 -15.88
N MET A 213 -8.29 -20.38 -16.18
CA MET A 213 -7.40 -20.28 -17.33
C MET A 213 -8.05 -20.21 -18.69
N ASP A 214 -9.07 -21.03 -18.92
CA ASP A 214 -9.76 -20.96 -20.20
C ASP A 214 -10.48 -19.64 -20.40
N GLN A 215 -11.27 -19.20 -19.43
CA GLN A 215 -11.94 -17.91 -19.55
C GLN A 215 -10.98 -16.73 -19.64
N THR A 216 -9.79 -16.81 -19.03
CA THR A 216 -8.78 -15.79 -19.21
C THR A 216 -8.32 -15.77 -20.67
N HIS A 217 -7.98 -16.88 -21.34
CA HIS A 217 -7.52 -16.81 -22.74
C HIS A 217 -8.64 -16.41 -23.70
N LEU A 218 -9.87 -16.81 -23.42
CA LEU A 218 -11.02 -16.40 -24.16
C LEU A 218 -11.14 -14.88 -24.09
N GLN A 219 -11.04 -14.29 -22.91
CA GLN A 219 -11.17 -12.84 -22.78
C GLN A 219 -9.99 -12.10 -23.42
N LEU A 220 -8.83 -12.70 -23.28
CA LEU A 220 -7.63 -12.13 -23.83
C LEU A 220 -7.71 -12.13 -25.35
N SER A 221 -8.61 -12.86 -26.02
CA SER A 221 -8.69 -12.76 -27.46
C SER A 221 -9.59 -11.62 -27.94
N ARG A 222 -10.10 -10.75 -27.03
CA ARG A 222 -11.05 -9.75 -27.44
C ARG A 222 -10.45 -8.36 -27.41
N GLU A 223 -10.94 -7.57 -28.35
CA GLU A 223 -10.52 -6.18 -28.44
C GLU A 223 -11.32 -5.32 -27.47
N PRO A 224 -10.70 -4.54 -26.60
CA PRO A 224 -11.38 -3.57 -25.75
C PRO A 224 -12.21 -2.66 -26.65
N ARG A 225 -13.30 -2.22 -26.08
CA ARG A 225 -14.22 -1.31 -26.76
C ARG A 225 -13.93 0.07 -26.15
N PRO A 226 -14.49 1.19 -26.68
CA PRO A 226 -14.42 2.52 -26.08
C PRO A 226 -14.94 2.47 -24.66
N LEU A 227 -14.30 3.19 -23.75
CA LEU A 227 -14.67 3.17 -22.34
C LEU A 227 -16.00 3.90 -22.10
N PRO A 228 -16.86 3.45 -21.16
CA PRO A 228 -18.17 4.09 -20.94
C PRO A 228 -17.98 5.44 -20.24
N LYS A 229 -19.03 6.24 -20.09
CA LYS A 229 -18.93 7.54 -19.47
C LYS A 229 -19.82 7.52 -18.26
N LEU A 230 -19.37 8.10 -17.15
CA LEU A 230 -20.21 8.16 -15.95
C LEU A 230 -20.86 9.53 -15.85
N ILE A 231 -22.18 9.56 -15.66
CA ILE A 231 -22.93 10.79 -15.45
C ILE A 231 -23.59 10.70 -14.06
N ILE A 232 -23.29 11.64 -13.17
CA ILE A 232 -23.93 11.75 -11.88
C ILE A 232 -25.01 12.81 -12.08
N LYS A 233 -26.25 12.52 -11.74
CA LYS A 233 -27.35 13.42 -12.01
C LYS A 233 -27.72 14.36 -10.87
N ARG A 234 -26.97 14.38 -9.78
CA ARG A 234 -27.36 15.09 -8.59
C ARG A 234 -26.14 15.22 -7.71
N LYS A 235 -26.07 16.34 -7.01
CA LYS A 235 -25.05 16.53 -6.00
C LYS A 235 -25.78 16.43 -4.67
N PRO A 236 -25.78 15.32 -3.92
CA PRO A 236 -26.41 15.19 -2.63
C PRO A 236 -25.72 16.12 -1.62
N GLU A 237 -26.35 16.30 -0.46
CA GLU A 237 -25.82 17.17 0.56
C GLU A 237 -24.62 16.50 1.23
N SER A 238 -24.53 15.16 1.25
CA SER A 238 -23.35 14.51 1.76
C SER A 238 -23.03 13.30 0.90
N ILE A 239 -21.80 12.79 1.03
CA ILE A 239 -21.39 11.62 0.28
C ILE A 239 -22.17 10.38 0.75
N PHE A 240 -22.82 10.41 1.92
CA PHE A 240 -23.59 9.28 2.45
C PHE A 240 -25.03 9.30 1.98
N ASP A 241 -25.31 10.26 1.10
CA ASP A 241 -26.62 10.55 0.59
C ASP A 241 -26.89 10.13 -0.84
N TYR A 242 -25.98 9.42 -1.51
CA TYR A 242 -26.19 9.07 -2.91
C TYR A 242 -27.11 7.89 -2.98
N ARG A 243 -27.76 7.66 -4.11
CA ARG A 243 -28.60 6.49 -4.24
C ARG A 243 -28.35 5.94 -5.63
N PHE A 244 -28.71 4.68 -5.84
CA PHE A 244 -28.47 3.99 -7.09
C PHE A 244 -28.89 4.82 -8.30
N GLU A 245 -30.05 5.48 -8.21
CA GLU A 245 -30.59 6.21 -9.36
C GLU A 245 -29.82 7.46 -9.74
N ASP A 246 -28.88 7.93 -8.93
CA ASP A 246 -28.13 9.14 -9.26
C ASP A 246 -27.08 8.91 -10.33
N PHE A 247 -26.78 7.65 -10.66
CA PHE A 247 -25.69 7.35 -11.56
C PHE A 247 -26.27 6.84 -12.87
N GLU A 248 -25.62 7.23 -13.95
CA GLU A 248 -25.99 6.81 -15.28
C GLU A 248 -24.68 6.47 -16.02
N ILE A 249 -24.55 5.27 -16.54
CA ILE A 249 -23.38 4.92 -17.35
C ILE A 249 -23.87 5.03 -18.77
N GLU A 250 -23.07 5.68 -19.59
CA GLU A 250 -23.43 5.92 -20.96
C GLU A 250 -22.41 5.28 -21.86
N GLY A 251 -22.87 4.70 -22.96
CA GLY A 251 -21.99 4.17 -23.98
C GLY A 251 -21.26 2.90 -23.61
N TYR A 252 -21.87 1.98 -22.84
CA TYR A 252 -21.19 0.74 -22.45
C TYR A 252 -21.62 -0.36 -23.41
N ASP A 253 -20.73 -0.82 -24.28
CA ASP A 253 -21.04 -1.88 -25.21
C ASP A 253 -20.05 -3.05 -25.03
N PRO A 254 -20.23 -3.91 -24.04
CA PRO A 254 -19.25 -4.94 -23.76
C PRO A 254 -19.40 -6.19 -24.63
N HIS A 255 -18.37 -6.99 -24.52
CA HIS A 255 -18.33 -8.29 -25.16
C HIS A 255 -19.18 -9.17 -24.28
N PRO A 256 -19.55 -10.38 -24.70
CA PRO A 256 -20.33 -11.32 -23.89
C PRO A 256 -19.73 -11.55 -22.52
N GLY A 257 -20.59 -11.82 -21.55
CA GLY A 257 -20.14 -12.16 -20.20
C GLY A 257 -19.43 -13.52 -20.22
N ILE A 258 -18.56 -13.80 -19.25
CA ILE A 258 -17.89 -15.08 -19.18
C ILE A 258 -18.05 -15.54 -17.73
N LYS A 259 -18.61 -16.72 -17.46
CA LYS A 259 -18.87 -17.18 -16.10
C LYS A 259 -17.66 -17.93 -15.60
N ALA A 260 -17.32 -17.79 -14.31
CA ALA A 260 -16.18 -18.45 -13.69
C ALA A 260 -16.49 -18.77 -12.22
N PRO A 261 -16.12 -19.93 -11.67
CA PRO A 261 -16.42 -20.28 -10.27
C PRO A 261 -15.63 -19.46 -9.28
N VAL A 262 -16.24 -18.96 -8.20
CA VAL A 262 -15.49 -18.21 -7.20
C VAL A 262 -14.88 -19.26 -6.28
N ALA A 263 -13.63 -19.12 -5.83
CA ALA A 263 -13.01 -20.06 -4.91
C ALA A 263 -13.41 -19.59 -3.51
N ILE A 264 -13.91 -20.43 -2.59
CA ILE A 264 -14.42 -19.94 -1.33
C ILE A 264 -13.44 -20.30 -0.23
N MET B 1 21.60 4.28 -7.68
CA MET B 1 21.10 3.08 -8.25
C MET B 1 20.33 3.69 -9.39
N LYS B 2 20.27 2.97 -10.50
CA LYS B 2 19.56 3.34 -11.71
C LYS B 2 18.14 3.80 -11.42
N GLN B 3 17.36 2.99 -10.72
CA GLN B 3 15.96 3.27 -10.43
C GLN B 3 15.79 4.48 -9.55
N TYR B 4 16.67 4.62 -8.56
CA TYR B 4 16.62 5.75 -7.64
C TYR B 4 16.89 7.07 -8.36
N LEU B 5 17.90 7.13 -9.24
CA LEU B 5 18.24 8.35 -9.94
C LEU B 5 17.14 8.68 -10.96
N GLU B 6 16.55 7.63 -11.50
CA GLU B 6 15.44 7.71 -12.44
C GLU B 6 14.19 8.34 -11.83
N LEU B 7 13.90 8.00 -10.58
CA LEU B 7 12.80 8.59 -9.84
C LEU B 7 13.13 10.05 -9.56
N MET B 8 14.36 10.30 -9.12
CA MET B 8 14.84 11.65 -8.81
C MET B 8 14.65 12.61 -9.99
N GLN B 9 14.99 12.15 -11.19
CA GLN B 9 14.76 12.92 -12.40
C GLN B 9 13.28 13.09 -12.75
N LYS B 10 12.49 12.04 -12.55
CA LYS B 10 11.06 12.06 -12.80
C LYS B 10 10.37 13.12 -11.93
N VAL B 11 10.69 13.24 -10.65
CA VAL B 11 10.10 14.26 -9.79
C VAL B 11 10.45 15.67 -10.28
N LEU B 12 11.66 15.87 -10.81
CA LEU B 12 12.05 17.16 -11.37
C LEU B 12 11.33 17.44 -12.67
N ASP B 13 11.18 16.48 -13.58
CA ASP B 13 10.52 16.75 -14.84
C ASP B 13 9.02 16.87 -14.75
N GLU B 14 8.46 16.11 -13.81
CA GLU B 14 7.03 15.96 -13.68
C GLU B 14 6.40 16.57 -12.46
N GLY B 15 7.13 16.84 -11.38
CA GLY B 15 6.53 17.27 -10.14
C GLY B 15 5.74 18.56 -10.24
N THR B 16 4.70 18.64 -9.41
CA THR B 16 3.85 19.81 -9.22
C THR B 16 4.37 20.47 -7.95
N GLN B 17 4.40 21.80 -7.90
CA GLN B 17 4.75 22.52 -6.68
C GLN B 17 3.61 22.49 -5.69
N LYS B 18 3.93 22.12 -4.46
CA LYS B 18 2.96 21.94 -3.41
C LYS B 18 3.45 22.73 -2.22
N ASN B 19 2.57 23.42 -1.49
CA ASN B 19 2.94 24.05 -0.22
C ASN B 19 2.81 22.83 0.69
N ASP B 20 3.76 22.49 1.56
CA ASP B 20 3.55 21.30 2.37
C ASP B 20 3.38 21.78 3.80
N ARG B 21 3.22 20.87 4.79
CA ARG B 21 3.00 21.27 6.17
C ARG B 21 4.14 22.00 6.85
N THR B 22 5.38 21.64 6.48
CA THR B 22 6.58 22.36 6.86
C THR B 22 6.46 23.55 5.89
N GLY B 23 6.68 24.84 6.08
CA GLY B 23 6.40 25.75 4.97
C GLY B 23 7.49 25.76 3.89
N THR B 24 8.12 24.64 3.52
CA THR B 24 9.27 24.65 2.63
C THR B 24 8.92 24.63 1.17
N GLY B 25 8.01 23.75 0.75
CA GLY B 25 7.66 23.65 -0.65
C GLY B 25 8.23 22.37 -1.20
N THR B 26 7.50 21.64 -2.04
CA THR B 26 8.01 20.41 -2.60
C THR B 26 7.63 20.36 -4.07
N LEU B 27 8.31 19.49 -4.81
CA LEU B 27 7.84 19.11 -6.12
C LEU B 27 7.40 17.67 -5.90
N SER B 28 6.16 17.29 -6.19
CA SER B 28 5.81 15.91 -6.03
C SER B 28 5.06 15.28 -7.16
N ILE B 29 5.18 13.95 -7.14
CA ILE B 29 4.39 13.11 -8.01
C ILE B 29 3.62 12.19 -7.05
N PHE B 30 2.63 11.46 -7.57
CA PHE B 30 1.80 10.58 -6.76
C PHE B 30 1.78 9.24 -7.46
N GLY B 31 2.19 8.18 -6.78
CA GLY B 31 2.13 6.86 -7.35
C GLY B 31 3.38 6.56 -8.12
N HIS B 32 4.19 5.66 -7.58
CA HIS B 32 5.42 5.26 -8.23
C HIS B 32 5.78 3.88 -7.72
N GLN B 33 6.35 2.96 -8.49
CA GLN B 33 6.71 1.67 -7.96
C GLN B 33 8.14 1.42 -8.38
N MET B 34 8.95 0.69 -7.64
CA MET B 34 10.34 0.47 -7.99
C MET B 34 10.62 -0.97 -7.55
N ARG B 35 11.43 -1.75 -8.23
CA ARG B 35 11.60 -3.15 -7.85
C ARG B 35 13.07 -3.42 -7.68
N PHE B 36 13.53 -4.03 -6.61
CA PHE B 36 14.93 -4.29 -6.40
C PHE B 36 15.08 -5.77 -6.24
N ASN B 37 15.89 -6.40 -7.06
CA ASN B 37 16.11 -7.83 -6.94
C ASN B 37 17.30 -7.93 -6.00
N LEU B 38 17.09 -8.55 -4.86
CA LEU B 38 18.10 -8.59 -3.83
C LEU B 38 19.20 -9.58 -4.12
N GLN B 39 19.02 -10.44 -5.11
CA GLN B 39 20.05 -11.36 -5.56
C GLN B 39 21.17 -10.57 -6.26
N ASP B 40 20.84 -9.47 -6.93
CA ASP B 40 21.82 -8.68 -7.65
C ASP B 40 22.70 -7.81 -6.77
N GLY B 41 22.42 -7.61 -5.49
CA GLY B 41 23.27 -6.81 -4.63
C GLY B 41 22.46 -5.98 -3.65
N PHE B 42 23.00 -5.61 -2.49
CA PHE B 42 22.26 -4.86 -1.49
C PHE B 42 21.99 -3.45 -1.99
N PRO B 43 20.75 -2.92 -2.00
CA PRO B 43 20.44 -1.60 -2.53
C PRO B 43 20.74 -0.45 -1.57
N LEU B 44 22.03 -0.14 -1.37
CA LEU B 44 22.45 0.99 -0.56
C LEU B 44 22.89 2.00 -1.63
N VAL B 45 22.38 3.25 -1.69
CA VAL B 45 22.78 4.19 -2.72
C VAL B 45 24.30 4.42 -2.78
N THR B 46 24.89 4.33 -3.98
CA THR B 46 26.32 4.57 -4.17
C THR B 46 26.63 5.97 -4.66
N THR B 47 25.68 6.74 -5.18
CA THR B 47 26.01 8.04 -5.71
C THR B 47 26.11 9.05 -4.60
N LYS B 48 25.96 8.65 -3.34
CA LYS B 48 26.22 9.50 -2.20
C LYS B 48 26.51 8.46 -1.14
N ARG B 49 27.46 8.73 -0.27
CA ARG B 49 27.71 7.84 0.82
C ARG B 49 26.59 7.90 1.86
N CYS B 50 26.01 6.73 2.12
CA CYS B 50 25.00 6.57 3.14
C CYS B 50 25.65 5.99 4.38
N HIS B 51 25.07 6.26 5.54
CA HIS B 51 25.66 5.84 6.80
C HIS B 51 24.89 4.60 7.24
N LEU B 52 25.44 3.38 7.07
CA LEU B 52 24.74 2.15 7.41
C LEU B 52 24.51 1.91 8.91
N ARG B 53 25.31 2.52 9.78
CA ARG B 53 25.20 2.36 11.23
C ARG B 53 23.87 2.85 11.81
N SER B 54 23.43 3.99 11.24
CA SER B 54 22.17 4.64 11.59
C SER B 54 21.03 3.76 11.09
N ILE B 55 21.15 3.22 9.86
CA ILE B 55 20.13 2.38 9.27
C ILE B 55 19.96 1.16 10.15
N ILE B 56 21.05 0.49 10.52
CA ILE B 56 20.96 -0.71 11.34
C ILE B 56 20.40 -0.45 12.70
N HIS B 57 20.88 0.54 13.45
CA HIS B 57 20.36 0.77 14.79
C HIS B 57 18.89 1.16 14.83
N GLU B 58 18.39 1.93 13.85
CA GLU B 58 16.99 2.30 13.75
C GLU B 58 16.18 1.02 13.53
N LEU B 59 16.52 0.14 12.58
CA LEU B 59 15.76 -1.08 12.36
C LEU B 59 15.80 -1.96 13.61
N LEU B 60 16.92 -2.07 14.31
CA LEU B 60 16.98 -2.88 15.51
C LEU B 60 16.18 -2.24 16.63
N TRP B 61 16.16 -0.91 16.69
CA TRP B 61 15.33 -0.17 17.62
C TRP B 61 13.86 -0.55 17.29
N PHE B 62 13.46 -0.63 16.02
CA PHE B 62 12.09 -0.97 15.65
C PHE B 62 11.71 -2.36 16.08
N LEU B 63 12.57 -3.38 15.84
CA LEU B 63 12.24 -4.74 16.23
C LEU B 63 12.22 -4.96 17.73
N GLN B 64 12.77 -4.05 18.54
CA GLN B 64 12.68 -4.18 19.99
C GLN B 64 11.38 -3.55 20.51
N GLY B 65 10.61 -2.88 19.66
CA GLY B 65 9.33 -2.33 20.08
C GLY B 65 9.52 -1.04 20.85
N ASP B 66 10.65 -0.40 20.60
CA ASP B 66 11.01 0.80 21.32
C ASP B 66 10.67 2.04 20.50
N THR B 67 10.10 3.03 21.17
CA THR B 67 9.75 4.34 20.58
C THR B 67 10.48 5.52 21.26
N ASN B 68 11.47 5.21 22.11
CA ASN B 68 12.18 6.26 22.81
C ASN B 68 13.57 6.35 22.21
N ILE B 69 14.06 7.55 21.89
CA ILE B 69 15.33 7.66 21.22
C ILE B 69 16.53 7.41 22.13
N ALA B 70 16.35 7.24 23.43
CA ALA B 70 17.43 6.91 24.34
C ALA B 70 18.34 5.83 23.75
N TYR B 71 17.85 4.66 23.35
CA TYR B 71 18.66 3.64 22.69
C TYR B 71 19.46 4.18 21.52
N LEU B 72 18.89 5.03 20.66
CA LEU B 72 19.58 5.49 19.47
C LEU B 72 20.74 6.34 19.94
N HIS B 73 20.50 7.15 20.96
CA HIS B 73 21.54 7.96 21.56
C HIS B 73 22.64 7.12 22.15
N GLU B 74 22.32 6.02 22.84
CA GLU B 74 23.32 5.14 23.42
C GLU B 74 24.23 4.68 22.30
N ASN B 75 23.72 4.63 21.08
CA ASN B 75 24.53 4.25 19.94
C ASN B 75 24.93 5.37 19.00
N ASN B 76 24.79 6.57 19.53
CA ASN B 76 25.02 7.85 18.87
C ASN B 76 24.39 8.06 17.50
N VAL B 77 23.10 7.77 17.45
CA VAL B 77 22.32 7.92 16.24
C VAL B 77 21.37 9.07 16.57
N THR B 78 21.46 10.08 15.73
CA THR B 78 20.73 11.30 15.98
C THR B 78 19.50 11.61 15.14
N ILE B 79 19.13 10.70 14.21
CA ILE B 79 18.09 10.94 13.21
C ILE B 79 16.69 11.32 13.67
N TRP B 80 16.26 10.91 14.85
CA TRP B 80 14.90 11.19 15.28
C TRP B 80 14.81 12.29 16.30
N ASP B 81 15.95 12.91 16.64
CA ASP B 81 16.01 13.90 17.70
C ASP B 81 15.06 15.06 17.56
N GLU B 82 14.90 15.55 16.33
CA GLU B 82 14.07 16.70 16.10
C GLU B 82 12.58 16.43 16.28
N TRP B 83 12.13 15.18 16.48
CA TRP B 83 10.70 14.91 16.65
C TRP B 83 10.35 14.42 18.04
N ALA B 84 11.33 14.12 18.89
CA ALA B 84 11.00 13.58 20.20
C ALA B 84 10.66 14.66 21.20
N ASP B 85 9.94 14.35 22.28
CA ASP B 85 9.62 15.37 23.29
C ASP B 85 10.74 15.53 24.31
N GLU B 86 10.51 16.31 25.37
CA GLU B 86 11.43 16.47 26.49
C GLU B 86 11.91 15.15 27.09
N ASN B 87 11.14 14.06 27.04
CA ASN B 87 11.60 12.78 27.54
C ASN B 87 12.15 11.87 26.48
N GLY B 88 12.29 12.29 25.22
CA GLY B 88 12.82 11.44 24.17
C GLY B 88 11.81 10.53 23.48
N ASP B 89 10.52 10.62 23.83
CA ASP B 89 9.51 9.77 23.21
C ASP B 89 8.97 10.35 21.95
N LEU B 90 8.69 9.44 21.01
CA LEU B 90 8.01 9.81 19.76
C LEU B 90 6.51 9.44 19.76
N GLY B 91 6.10 8.73 20.79
CA GLY B 91 4.74 8.27 20.89
C GLY B 91 4.66 6.87 20.31
N PRO B 92 3.49 6.28 20.05
CA PRO B 92 3.37 4.91 19.60
C PRO B 92 3.65 4.76 18.11
N VAL B 93 4.85 5.13 17.67
CA VAL B 93 5.20 5.05 16.26
C VAL B 93 5.65 3.62 15.92
N TYR B 94 6.23 3.43 14.73
CA TYR B 94 6.69 2.13 14.19
C TYR B 94 6.91 0.95 15.11
N GLY B 95 7.89 1.09 16.02
CA GLY B 95 8.24 0.04 16.93
C GLY B 95 7.05 -0.43 17.76
N LYS B 96 6.22 0.47 18.29
CA LYS B 96 5.13 0.04 19.13
C LYS B 96 4.08 -0.72 18.33
N GLN B 97 3.77 -0.30 17.09
CA GLN B 97 2.75 -0.93 16.26
C GLN B 97 3.21 -2.26 15.74
N TRP B 98 4.49 -2.40 15.39
CA TRP B 98 5.06 -3.66 14.94
C TRP B 98 5.03 -4.73 16.04
N ARG B 99 5.36 -4.38 17.30
CA ARG B 99 5.47 -5.38 18.33
C ARG B 99 4.33 -5.48 19.33
N ALA B 100 3.42 -4.53 19.38
CA ALA B 100 2.37 -4.60 20.35
C ALA B 100 1.21 -3.70 19.93
N TRP B 101 0.61 -3.99 18.77
CA TRP B 101 -0.52 -3.21 18.28
C TRP B 101 -1.63 -3.36 19.32
N PRO B 102 -2.20 -2.29 19.91
CA PRO B 102 -3.24 -2.40 20.92
C PRO B 102 -4.64 -2.72 20.36
N THR B 103 -5.27 -3.82 20.81
CA THR B 103 -6.61 -4.16 20.33
C THR B 103 -7.61 -3.23 21.02
N PRO B 104 -8.89 -3.03 20.59
CA PRO B 104 -9.83 -2.15 21.28
C PRO B 104 -10.04 -2.61 22.73
N ASP B 105 -10.00 -3.93 23.00
CA ASP B 105 -10.22 -4.46 24.34
C ASP B 105 -9.02 -4.63 25.27
N GLY B 106 -7.92 -3.93 25.00
CA GLY B 106 -6.80 -3.97 25.93
C GLY B 106 -5.68 -4.94 25.63
N ARG B 107 -5.77 -5.86 24.67
CA ARG B 107 -4.68 -6.78 24.40
C ARG B 107 -3.71 -6.14 23.42
N HIS B 108 -2.67 -6.84 22.94
CA HIS B 108 -1.69 -6.31 21.99
C HIS B 108 -1.32 -7.39 21.00
N ILE B 109 -1.13 -7.09 19.71
CA ILE B 109 -0.78 -8.08 18.69
C ILE B 109 0.68 -7.85 18.35
N ASP B 110 1.47 -8.90 18.35
CA ASP B 110 2.84 -8.75 17.95
C ASP B 110 2.83 -9.21 16.49
N GLN B 111 2.89 -8.22 15.60
CA GLN B 111 2.80 -8.50 14.19
C GLN B 111 4.06 -9.17 13.65
N ILE B 112 5.22 -8.95 14.28
CA ILE B 112 6.45 -9.60 13.81
C ILE B 112 6.42 -11.10 14.15
N THR B 113 6.10 -11.54 15.37
CA THR B 113 5.93 -12.96 15.70
C THR B 113 4.86 -13.61 14.81
N THR B 114 3.73 -12.93 14.57
CA THR B 114 2.72 -13.45 13.65
C THR B 114 3.39 -13.71 12.29
N VAL B 115 4.12 -12.74 11.72
CA VAL B 115 4.72 -12.87 10.40
C VAL B 115 5.75 -13.98 10.35
N LEU B 116 6.62 -14.13 11.35
CA LEU B 116 7.58 -15.24 11.44
C LEU B 116 6.84 -16.56 11.43
N ASN B 117 5.74 -16.67 12.18
CA ASN B 117 5.03 -17.93 12.24
C ASN B 117 4.29 -18.24 10.99
N GLN B 118 3.84 -17.21 10.27
CA GLN B 118 3.21 -17.41 8.98
C GLN B 118 4.27 -17.80 7.96
N LEU B 119 5.45 -17.21 7.93
CA LEU B 119 6.43 -17.57 6.94
C LEU B 119 6.89 -19.00 7.18
N LYS B 120 6.95 -19.42 8.42
CA LYS B 120 7.35 -20.79 8.70
C LYS B 120 6.24 -21.81 8.54
N ASN B 121 5.01 -21.51 8.94
CA ASN B 121 3.92 -22.48 8.89
C ASN B 121 2.96 -22.33 7.72
N ASP B 122 2.86 -21.17 7.12
CA ASP B 122 1.91 -20.96 6.04
C ASP B 122 2.49 -19.96 5.04
N PRO B 123 3.61 -20.23 4.34
CA PRO B 123 4.25 -19.24 3.47
C PRO B 123 3.42 -18.89 2.23
N ASP B 124 2.41 -19.70 1.87
CA ASP B 124 1.57 -19.36 0.72
C ASP B 124 0.52 -18.27 1.03
N SER B 125 0.36 -17.92 2.30
CA SER B 125 -0.60 -16.94 2.77
C SER B 125 -0.47 -15.63 2.01
N ARG B 126 -1.65 -15.04 1.73
CA ARG B 126 -1.72 -13.75 1.06
C ARG B 126 -1.97 -12.64 2.08
N ARG B 127 -1.84 -12.98 3.36
CA ARG B 127 -2.13 -12.07 4.45
C ARG B 127 -0.90 -11.85 5.31
N ILE B 128 0.33 -11.93 4.81
CA ILE B 128 1.50 -11.81 5.67
C ILE B 128 1.88 -10.35 5.68
N ILE B 129 1.21 -9.58 6.52
CA ILE B 129 1.27 -8.11 6.50
C ILE B 129 1.67 -7.50 7.84
N VAL B 130 2.42 -6.38 7.86
CA VAL B 130 2.64 -5.61 9.06
C VAL B 130 2.10 -4.21 8.74
N SER B 131 1.24 -3.65 9.59
CA SER B 131 0.76 -2.30 9.38
C SER B 131 1.26 -1.46 10.54
N ALA B 132 1.80 -0.29 10.24
CA ALA B 132 2.13 0.67 11.26
C ALA B 132 1.05 1.76 11.23
N TRP B 133 0.07 1.72 10.31
CA TRP B 133 -0.92 2.77 10.20
C TRP B 133 -2.09 2.46 11.11
N ASN B 134 -1.88 2.75 12.39
CA ASN B 134 -2.91 2.52 13.36
C ASN B 134 -3.76 3.79 13.47
N VAL B 135 -4.87 3.88 12.73
CA VAL B 135 -5.79 5.05 12.73
C VAL B 135 -6.13 5.59 14.14
N GLY B 136 -6.40 4.74 15.13
CA GLY B 136 -6.73 5.17 16.49
C GLY B 136 -5.59 5.71 17.37
N GLU B 137 -4.34 5.67 16.89
CA GLU B 137 -3.25 6.19 17.67
C GLU B 137 -2.47 7.25 16.92
N LEU B 138 -2.84 7.60 15.68
CA LEU B 138 -2.09 8.54 14.90
C LEU B 138 -1.91 9.88 15.61
N ASP B 139 -2.93 10.31 16.33
CA ASP B 139 -2.90 11.59 17.02
C ASP B 139 -1.91 11.65 18.17
N LYS B 140 -1.44 10.48 18.64
CA LYS B 140 -0.47 10.42 19.69
C LYS B 140 0.94 10.41 19.11
N MET B 141 1.13 10.20 17.83
CA MET B 141 2.46 10.08 17.26
C MET B 141 3.07 11.42 16.88
N ALA B 142 4.37 11.61 17.13
CA ALA B 142 5.07 12.85 16.76
C ALA B 142 5.04 13.09 15.26
N LEU B 143 5.12 12.04 14.45
CA LEU B 143 4.99 12.19 13.02
C LEU B 143 4.24 10.93 12.61
N ALA B 144 3.34 10.99 11.63
CA ALA B 144 2.63 9.82 11.18
C ALA B 144 3.62 8.89 10.45
N PRO B 145 3.47 7.54 10.49
CA PRO B 145 4.34 6.61 9.79
C PRO B 145 4.51 6.98 8.31
N CYS B 146 5.74 7.19 7.80
CA CYS B 146 5.96 7.35 6.37
C CYS B 146 5.88 6.04 5.62
N HIS B 147 6.72 5.09 6.06
CA HIS B 147 6.65 3.75 5.49
C HIS B 147 5.53 3.10 6.32
N ALA B 148 4.37 2.99 5.71
CA ALA B 148 3.17 2.69 6.46
C ALA B 148 2.65 1.25 6.61
N PHE B 149 2.90 0.42 5.61
CA PHE B 149 2.21 -0.84 5.49
C PHE B 149 3.11 -1.75 4.66
N PHE B 150 3.36 -3.01 4.99
CA PHE B 150 4.17 -3.85 4.12
C PHE B 150 3.75 -5.29 4.15
N GLN B 151 4.03 -5.96 3.05
CA GLN B 151 3.61 -7.33 2.84
C GLN B 151 4.75 -8.21 2.39
N PHE B 152 4.81 -9.40 2.98
CA PHE B 152 5.75 -10.44 2.58
C PHE B 152 5.10 -11.46 1.64
N TYR B 153 5.91 -12.13 0.84
CA TYR B 153 5.41 -13.07 -0.15
C TYR B 153 6.48 -14.12 -0.33
N VAL B 154 6.16 -15.40 -0.53
CA VAL B 154 7.16 -16.42 -0.76
C VAL B 154 6.79 -17.17 -2.04
N ALA B 155 7.72 -17.42 -2.95
CA ALA B 155 7.48 -18.21 -4.14
C ALA B 155 8.81 -18.81 -4.49
N ASP B 156 8.87 -20.11 -4.83
CA ASP B 156 10.10 -20.80 -5.21
C ASP B 156 11.26 -20.70 -4.21
N GLY B 157 10.93 -20.76 -2.93
CA GLY B 157 11.92 -20.67 -1.87
C GLY B 157 12.52 -19.29 -1.65
N LYS B 158 11.96 -18.23 -2.25
CA LYS B 158 12.44 -16.85 -2.12
C LYS B 158 11.43 -15.94 -1.41
N LEU B 159 11.91 -15.08 -0.49
CA LEU B 159 11.09 -14.16 0.26
C LEU B 159 11.14 -12.76 -0.37
N SER B 160 9.98 -12.28 -0.80
CA SER B 160 9.88 -10.92 -1.32
C SER B 160 9.13 -10.01 -0.33
N CYS B 161 9.25 -8.70 -0.46
CA CYS B 161 8.58 -7.77 0.44
C CYS B 161 8.12 -6.57 -0.34
N GLN B 162 6.87 -6.09 -0.23
CA GLN B 162 6.49 -4.84 -0.84
C GLN B 162 6.17 -3.85 0.27
N LEU B 163 6.70 -2.63 0.19
CA LEU B 163 6.40 -1.56 1.11
C LEU B 163 5.49 -0.53 0.46
N TYR B 164 4.46 -0.05 1.15
CA TYR B 164 3.68 1.08 0.67
C TYR B 164 4.17 2.29 1.49
N GLN B 165 4.83 3.28 0.92
CA GLN B 165 5.31 4.44 1.66
C GLN B 165 4.39 5.57 1.23
N ARG B 166 3.57 6.03 2.18
CA ARG B 166 2.59 7.06 1.85
C ARG B 166 3.22 8.43 1.61
N SER B 167 4.34 8.75 2.25
CA SER B 167 5.01 10.01 2.03
C SER B 167 6.50 9.73 1.96
N CYS B 168 7.14 10.29 0.94
CA CYS B 168 8.54 10.00 0.70
C CYS B 168 9.36 11.22 0.33
N ASP B 169 10.34 11.58 1.17
CA ASP B 169 11.34 12.59 0.84
C ASP B 169 12.44 11.80 0.08
N VAL B 170 12.43 11.95 -1.25
CA VAL B 170 13.32 11.24 -2.15
C VAL B 170 14.78 11.40 -1.80
N PHE B 171 15.24 12.62 -1.48
CA PHE B 171 16.66 12.85 -1.23
C PHE B 171 17.10 12.31 0.12
N LEU B 172 16.44 12.63 1.23
CA LEU B 172 16.92 12.16 2.53
C LEU B 172 16.36 10.83 3.00
N GLY B 173 15.04 10.69 3.09
CA GLY B 173 14.45 9.51 3.70
C GLY B 173 14.55 8.28 2.84
N LEU B 174 14.29 8.35 1.54
CA LEU B 174 14.26 7.16 0.70
C LEU B 174 15.53 6.32 0.62
N PRO B 175 16.81 6.76 0.42
CA PRO B 175 18.00 5.90 0.45
C PRO B 175 18.02 5.04 1.71
N PHE B 176 17.64 5.70 2.81
CA PHE B 176 17.57 5.14 4.13
C PHE B 176 16.47 4.09 4.28
N ASN B 177 15.23 4.40 3.91
CA ASN B 177 14.10 3.48 4.02
C ASN B 177 14.28 2.25 3.14
N ILE B 178 14.86 2.37 1.93
CA ILE B 178 15.09 1.24 1.04
C ILE B 178 16.08 0.27 1.67
N ALA B 179 17.20 0.76 2.16
CA ALA B 179 18.21 -0.08 2.79
C ALA B 179 17.67 -0.84 4.02
N SER B 180 16.82 -0.13 4.76
CA SER B 180 16.20 -0.60 5.97
C SER B 180 15.36 -1.85 5.70
N TYR B 181 14.49 -1.83 4.70
CA TYR B 181 13.61 -2.96 4.47
C TYR B 181 14.36 -4.08 3.76
N ALA B 182 15.37 -3.78 2.92
CA ALA B 182 16.23 -4.80 2.32
C ALA B 182 16.93 -5.59 3.41
N LEU B 183 17.44 -4.88 4.39
CA LEU B 183 18.04 -5.49 5.56
C LEU B 183 17.01 -6.37 6.28
N LEU B 184 15.79 -5.89 6.58
CA LEU B 184 14.80 -6.71 7.28
C LEU B 184 14.47 -7.99 6.52
N VAL B 185 14.34 -7.92 5.18
CA VAL B 185 14.12 -9.10 4.33
C VAL B 185 15.26 -10.12 4.50
N HIS B 186 16.53 -9.69 4.55
CA HIS B 186 17.66 -10.57 4.74
C HIS B 186 17.59 -11.25 6.09
N MET B 187 17.23 -10.55 7.14
CA MET B 187 17.11 -11.14 8.47
C MET B 187 15.92 -12.11 8.53
N MET B 188 14.72 -11.77 8.01
CA MET B 188 13.57 -12.68 8.00
C MET B 188 13.93 -13.92 7.22
N ALA B 189 14.49 -13.79 6.02
CA ALA B 189 14.87 -14.93 5.19
C ALA B 189 15.82 -15.86 5.93
N GLN B 190 16.78 -15.33 6.68
CA GLN B 190 17.73 -16.17 7.41
C GLN B 190 16.99 -16.92 8.51
N GLN B 191 16.11 -16.25 9.23
CA GLN B 191 15.37 -16.91 10.30
C GLN B 191 14.39 -17.98 9.80
N CYS B 192 13.95 -17.87 8.55
CA CYS B 192 12.96 -18.75 7.99
C CYS B 192 13.53 -19.68 6.94
N ASP B 193 14.84 -19.61 6.76
CA ASP B 193 15.58 -20.45 5.84
C ASP B 193 15.10 -20.34 4.41
N LEU B 194 14.87 -19.10 4.00
CA LEU B 194 14.45 -18.82 2.65
C LEU B 194 15.57 -18.08 1.94
N GLU B 195 15.52 -17.94 0.61
CA GLU B 195 16.49 -17.11 -0.12
C GLU B 195 15.86 -15.73 -0.26
N VAL B 196 16.58 -14.63 -0.58
CA VAL B 196 15.97 -13.30 -0.66
C VAL B 196 15.34 -13.14 -2.04
N GLY B 197 14.24 -12.41 -2.21
CA GLY B 197 13.67 -12.28 -3.54
C GLY B 197 13.77 -10.84 -3.96
N ASP B 198 12.61 -10.20 -4.06
CA ASP B 198 12.52 -8.84 -4.51
C ASP B 198 12.07 -7.90 -3.41
N PHE B 199 12.54 -6.65 -3.39
CA PHE B 199 12.03 -5.62 -2.51
C PHE B 199 11.31 -4.65 -3.47
N VAL B 200 10.00 -4.57 -3.37
CA VAL B 200 9.20 -3.72 -4.22
C VAL B 200 8.84 -2.49 -3.37
N TRP B 201 9.11 -1.29 -3.88
CA TRP B 201 8.82 -0.08 -3.15
C TRP B 201 7.67 0.60 -3.87
N THR B 202 6.61 1.02 -3.19
CA THR B 202 5.54 1.75 -3.84
C THR B 202 5.35 3.05 -3.06
N GLY B 203 5.29 4.22 -3.72
CA GLY B 203 5.17 5.46 -2.98
C GLY B 203 3.85 6.17 -3.27
N GLY B 204 3.41 6.91 -2.27
CA GLY B 204 2.26 7.75 -2.41
C GLY B 204 2.76 9.12 -2.83
N ASP B 205 2.67 10.14 -1.98
CA ASP B 205 3.18 11.45 -2.32
C ASP B 205 4.70 11.35 -2.29
N THR B 206 5.38 11.40 -3.44
CA THR B 206 6.83 11.21 -3.51
C THR B 206 7.44 12.54 -3.89
N HIS B 207 8.30 13.12 -3.06
CA HIS B 207 8.64 14.52 -3.27
C HIS B 207 10.08 14.88 -3.07
N LEU B 208 10.46 16.04 -3.57
CA LEU B 208 11.80 16.61 -3.42
C LEU B 208 11.55 18.01 -2.84
N TYR B 209 12.09 18.35 -1.67
CA TYR B 209 11.93 19.67 -1.09
C TYR B 209 12.67 20.77 -1.88
N SER B 210 12.14 21.98 -1.99
CA SER B 210 12.73 23.06 -2.76
C SER B 210 14.17 23.36 -2.33
N ASN B 211 14.51 23.18 -1.08
CA ASN B 211 15.87 23.42 -0.65
C ASN B 211 16.82 22.23 -0.79
N HIS B 212 16.55 21.29 -1.70
CA HIS B 212 17.45 20.18 -1.99
C HIS B 212 17.76 20.15 -3.48
N MET B 213 17.41 21.17 -4.25
CA MET B 213 17.60 21.19 -5.70
C MET B 213 19.04 21.11 -6.12
N ASP B 214 19.92 21.86 -5.45
CA ASP B 214 21.34 21.82 -5.74
C ASP B 214 21.96 20.45 -5.48
N GLN B 215 21.70 19.85 -4.34
CA GLN B 215 22.31 18.56 -4.09
C GLN B 215 21.62 17.46 -4.88
N THR B 216 20.36 17.61 -5.30
CA THR B 216 19.75 16.70 -6.23
C THR B 216 20.45 16.85 -7.59
N HIS B 217 20.74 18.07 -8.06
CA HIS B 217 21.43 18.24 -9.32
C HIS B 217 22.84 17.68 -9.27
N LEU B 218 23.50 17.82 -8.12
CA LEU B 218 24.83 17.30 -7.92
C LEU B 218 24.74 15.79 -8.00
N GLN B 219 23.83 15.19 -7.25
CA GLN B 219 23.70 13.74 -7.25
C GLN B 219 23.35 13.20 -8.62
N LEU B 220 22.51 13.89 -9.38
CA LEU B 220 22.17 13.39 -10.69
C LEU B 220 23.38 13.41 -11.65
N SER B 221 24.47 14.13 -11.35
CA SER B 221 25.67 14.11 -12.18
C SER B 221 26.55 12.87 -11.98
N ARG B 222 26.29 11.96 -11.07
CA ARG B 222 27.22 10.91 -10.75
C ARG B 222 26.84 9.57 -11.28
N GLU B 223 27.82 8.81 -11.72
CA GLU B 223 27.52 7.47 -12.23
C GLU B 223 27.28 6.49 -11.10
N PRO B 224 26.17 5.74 -11.12
CA PRO B 224 25.93 4.70 -10.13
C PRO B 224 27.03 3.65 -10.25
N ARG B 225 27.35 3.04 -9.13
CA ARG B 225 28.45 2.09 -9.06
C ARG B 225 27.87 0.70 -8.71
N PRO B 226 28.60 -0.42 -8.85
CA PRO B 226 28.15 -1.74 -8.41
C PRO B 226 27.69 -1.76 -6.96
N LEU B 227 26.64 -2.54 -6.76
CA LEU B 227 26.02 -2.60 -5.46
C LEU B 227 26.84 -3.42 -4.47
N PRO B 228 26.93 -3.09 -3.18
CA PRO B 228 27.62 -3.87 -2.18
C PRO B 228 26.96 -5.20 -1.95
N LYS B 229 27.57 -6.11 -1.19
CA LYS B 229 26.91 -7.33 -0.83
C LYS B 229 26.89 -7.30 0.67
N LEU B 230 25.84 -7.88 1.23
CA LEU B 230 25.64 -7.91 2.66
C LEU B 230 26.00 -9.28 3.20
N ILE B 231 26.65 -9.32 4.35
CA ILE B 231 27.05 -10.54 5.00
C ILE B 231 26.51 -10.43 6.40
N ILE B 232 25.80 -11.46 6.84
CA ILE B 232 25.35 -11.49 8.21
C ILE B 232 26.25 -12.55 8.86
N LYS B 233 27.15 -12.07 9.70
CA LYS B 233 28.18 -12.85 10.36
C LYS B 233 27.77 -13.94 11.35
N ARG B 234 26.62 -13.80 12.01
CA ARG B 234 26.20 -14.73 13.04
C ARG B 234 24.73 -15.07 12.79
N LYS B 235 24.22 -16.26 13.06
CA LYS B 235 22.79 -16.53 12.89
C LYS B 235 22.23 -16.58 14.31
N PRO B 236 21.55 -15.51 14.77
CA PRO B 236 20.91 -15.42 16.09
C PRO B 236 19.78 -16.41 16.22
N GLU B 237 19.34 -16.64 17.45
CA GLU B 237 18.32 -17.65 17.65
C GLU B 237 16.89 -17.13 17.56
N SER B 238 16.74 -15.83 17.26
CA SER B 238 15.45 -15.27 16.92
C SER B 238 15.81 -13.97 16.22
N ILE B 239 14.81 -13.44 15.52
CA ILE B 239 14.96 -12.21 14.78
C ILE B 239 15.07 -11.03 15.75
N PHE B 240 14.81 -11.24 17.04
CA PHE B 240 14.93 -10.16 18.00
C PHE B 240 16.32 -10.13 18.60
N ASP B 241 17.22 -11.00 18.13
CA ASP B 241 18.53 -11.12 18.72
C ASP B 241 19.66 -10.57 17.88
N TYR B 242 19.44 -9.93 16.75
CA TYR B 242 20.58 -9.45 16.01
C TYR B 242 21.17 -8.25 16.77
N ARG B 243 22.41 -7.98 16.43
CA ARG B 243 23.18 -6.92 17.04
C ARG B 243 23.95 -6.30 15.92
N PHE B 244 24.29 -5.03 16.03
CA PHE B 244 25.02 -4.28 15.02
C PHE B 244 26.22 -5.01 14.43
N GLU B 245 26.97 -5.66 15.33
CA GLU B 245 28.14 -6.46 15.02
C GLU B 245 27.89 -7.62 14.10
N ASP B 246 26.64 -8.00 13.78
CA ASP B 246 26.40 -9.19 12.97
C ASP B 246 26.32 -8.85 11.52
N PHE B 247 26.40 -7.60 11.09
CA PHE B 247 26.20 -7.28 9.68
C PHE B 247 27.45 -6.67 9.12
N GLU B 248 27.86 -7.08 7.91
CA GLU B 248 28.97 -6.48 7.24
C GLU B 248 28.51 -6.21 5.84
N ILE B 249 28.95 -5.08 5.32
CA ILE B 249 28.61 -4.68 3.98
C ILE B 249 29.96 -4.81 3.29
N GLU B 250 30.04 -5.23 2.04
CA GLU B 250 31.29 -5.52 1.39
C GLU B 250 31.17 -5.00 -0.03
N GLY B 251 32.22 -4.42 -0.61
CA GLY B 251 32.17 -3.88 -1.95
C GLY B 251 31.42 -2.55 -2.04
N TYR B 252 31.22 -1.84 -0.90
CA TYR B 252 30.51 -0.58 -0.94
C TYR B 252 31.48 0.53 -1.31
N ASP B 253 31.48 0.99 -2.56
CA ASP B 253 32.36 2.06 -2.93
C ASP B 253 31.58 3.28 -3.36
N PRO B 254 31.10 4.14 -2.46
CA PRO B 254 30.25 5.25 -2.85
C PRO B 254 30.97 6.52 -3.27
N HIS B 255 30.21 7.41 -3.87
CA HIS B 255 30.66 8.76 -4.17
C HIS B 255 30.55 9.52 -2.83
N PRO B 256 31.11 10.72 -2.65
CA PRO B 256 31.19 11.39 -1.36
C PRO B 256 29.80 11.76 -0.87
N GLY B 257 29.63 11.90 0.45
CA GLY B 257 28.37 12.22 1.08
C GLY B 257 27.86 13.58 0.62
N ILE B 258 26.58 13.90 0.79
CA ILE B 258 26.06 15.16 0.31
C ILE B 258 25.19 15.59 1.46
N LYS B 259 25.54 16.73 2.04
CA LYS B 259 24.84 17.30 3.16
C LYS B 259 23.61 18.10 2.72
N ALA B 260 22.51 18.06 3.47
CA ALA B 260 21.27 18.77 3.12
C ALA B 260 20.37 18.97 4.32
N PRO B 261 19.77 20.13 4.51
CA PRO B 261 18.91 20.43 5.67
C PRO B 261 17.62 19.61 5.73
N VAL B 262 17.16 19.17 6.91
CA VAL B 262 15.92 18.41 7.00
C VAL B 262 14.83 19.44 7.23
N ALA B 263 13.65 19.16 6.72
CA ALA B 263 12.51 20.04 6.92
C ALA B 263 11.84 19.44 8.15
N ILE B 264 11.48 20.30 9.12
CA ILE B 264 10.95 19.88 10.41
C ILE B 264 9.52 20.41 10.54
#